data_5YDP
#
_entry.id   5YDP
#
_cell.length_a   109.662
_cell.length_b   179.711
_cell.length_c   56.646
_cell.angle_alpha   90.000
_cell.angle_beta   110.520
_cell.angle_gamma   90.000
#
_symmetry.space_group_name_H-M   'C 1 2 1'
#
_entity_poly.entity_id   1
_entity_poly.type   'polypeptide(L)'
_entity_poly.pdbx_seq_one_letter_code
;HHHHHHSSGLVPRGSH(MSE)RSGT(MSE)DR(MSE)PPRPSTRDQRSSGDSRGGRWSPRLTVFDA(MSE)HQLLESRDW
SAVT(MSE)SDVAKAAGLSRQTLYSTFGNRQGLAQAYALQLSEKFAGEIRDSIIRHPGQIELALSEGINGFLRSSSRDPL
IRALVTGDIKPDLLRLITTEAGPLIERATEVL(MSE)PALSESW(MSE)RIEASQARLAASIIARIGISFISLPPEDPDQ
LASGLTEVIAPYLQKVVQVDVQQ
;
_entity_poly.pdbx_strand_id   A,B,C
#
# COMPACT_ATOMS: atom_id res chain seq x y z
N GLY A 42 -7.23 22.46 -9.09
CA GLY A 42 -8.15 21.50 -8.50
C GLY A 42 -9.56 22.04 -8.36
N GLY A 43 -10.51 21.44 -9.09
CA GLY A 43 -11.88 21.93 -9.11
C GLY A 43 -12.96 20.89 -9.26
N ARG A 44 -14.08 21.12 -8.57
CA ARG A 44 -15.18 20.16 -8.49
C ARG A 44 -16.37 20.49 -9.40
N TRP A 45 -16.13 20.95 -10.65
CA TRP A 45 -17.15 21.20 -11.70
C TRP A 45 -17.48 19.96 -12.53
N SER A 46 -16.76 18.85 -12.31
CA SER A 46 -16.91 17.69 -13.15
C SER A 46 -18.31 17.16 -12.95
N PRO A 47 -18.81 16.42 -13.95
CA PRO A 47 -20.13 15.78 -13.80
C PRO A 47 -20.16 14.96 -12.53
N ARG A 48 -19.22 14.01 -12.40
CA ARG A 48 -19.30 13.11 -11.27
C ARG A 48 -19.16 13.86 -9.97
N LEU A 49 -18.13 14.72 -9.85
CA LEU A 49 -17.82 15.37 -8.56
C LEU A 49 -18.97 16.24 -8.04
N THR A 50 -19.74 16.92 -8.93
CA THR A 50 -20.85 17.75 -8.47
C THR A 50 -22.02 16.89 -7.97
N VAL A 51 -22.16 15.67 -8.49
CA VAL A 51 -23.23 14.78 -8.05
C VAL A 51 -22.93 14.27 -6.66
N PHE A 52 -21.67 13.95 -6.39
CA PHE A 52 -21.29 13.44 -5.09
C PHE A 52 -21.46 14.47 -4.00
N ASP A 53 -21.03 15.71 -4.27
CA ASP A 53 -21.30 16.79 -3.34
C ASP A 53 -22.80 16.91 -3.08
N ALA A 54 -23.59 16.86 -4.17
CA ALA A 54 -25.04 16.98 -4.02
C ALA A 54 -25.56 15.87 -3.13
N MSE A 55 -25.16 14.64 -3.42
CA MSE A 55 -25.56 13.47 -2.67
C MSE A 55 -25.18 13.50 -1.23
O MSE A 55 -25.97 13.11 -0.37
CB MSE A 55 -24.96 12.24 -3.26
CG MSE A 55 -25.80 11.64 -4.30
SE MSE A 55 -25.09 9.95 -4.80
CE MSE A 55 -25.42 8.99 -3.12
N HIS A 56 -23.93 13.90 -0.96
CA HIS A 56 -23.48 14.04 0.41
C HIS A 56 -24.40 14.99 1.19
N GLN A 57 -24.50 16.26 0.74
CA GLN A 57 -25.33 17.25 1.44
C GLN A 57 -26.77 16.76 1.59
N LEU A 58 -27.29 16.12 0.55
CA LEU A 58 -28.63 15.55 0.62
C LEU A 58 -28.70 14.52 1.75
N LEU A 59 -27.71 13.62 1.81
CA LEU A 59 -27.73 12.52 2.74
C LEU A 59 -27.60 12.96 4.20
N GLU A 60 -27.17 14.20 4.46
CA GLU A 60 -27.10 14.64 5.85
C GLU A 60 -28.47 14.64 6.49
N SER A 61 -29.51 14.95 5.71
CA SER A 61 -30.87 15.14 6.20
C SER A 61 -31.88 14.10 5.71
N ARG A 62 -31.49 13.15 4.85
CA ARG A 62 -32.44 12.14 4.38
C ARG A 62 -31.79 10.75 4.45
N ASP A 63 -32.62 9.71 4.41
CA ASP A 63 -32.04 8.38 4.26
C ASP A 63 -31.67 8.11 2.81
N TRP A 64 -30.92 7.04 2.60
CA TRP A 64 -30.65 6.68 1.22
C TRP A 64 -31.92 6.16 0.54
N SER A 65 -32.92 5.75 1.31
CA SER A 65 -34.15 5.28 0.69
C SER A 65 -35.16 6.38 0.41
N ALA A 66 -35.14 7.48 1.16
CA ALA A 66 -35.99 8.62 0.85
C ALA A 66 -35.34 9.57 -0.14
N VAL A 67 -34.32 9.11 -0.88
CA VAL A 67 -33.60 9.90 -1.87
C VAL A 67 -33.69 9.19 -3.19
N THR A 68 -34.22 9.86 -4.21
CA THR A 68 -34.35 9.30 -5.53
C THR A 68 -33.55 10.12 -6.53
N MSE A 69 -33.37 9.55 -7.72
CA MSE A 69 -32.66 10.18 -8.85
C MSE A 69 -33.08 11.62 -9.17
O MSE A 69 -32.24 12.47 -9.49
CB MSE A 69 -32.88 9.33 -10.08
CG MSE A 69 -32.32 7.95 -9.97
SE MSE A 69 -30.38 7.89 -10.13
CE MSE A 69 -30.28 8.68 -11.93
N SER A 70 -34.40 11.81 -9.15
CA SER A 70 -35.06 13.11 -9.26
C SER A 70 -34.42 14.12 -8.31
N ASP A 71 -34.42 13.80 -7.01
CA ASP A 71 -33.82 14.64 -5.98
C ASP A 71 -32.35 14.92 -6.27
N VAL A 72 -31.58 13.88 -6.65
CA VAL A 72 -30.16 14.07 -6.88
C VAL A 72 -29.94 14.98 -8.08
N ALA A 73 -30.70 14.79 -9.14
CA ALA A 73 -30.62 15.67 -10.30
C ALA A 73 -30.96 17.13 -9.93
N LYS A 74 -31.95 17.35 -9.05
CA LYS A 74 -32.26 18.72 -8.62
C LYS A 74 -31.10 19.35 -7.86
N ALA A 75 -30.55 18.62 -6.88
CA ALA A 75 -29.50 19.19 -6.05
C ALA A 75 -28.18 19.37 -6.82
N ALA A 76 -27.92 18.52 -7.80
CA ALA A 76 -26.69 18.70 -8.55
C ALA A 76 -26.87 19.77 -9.62
N GLY A 77 -28.10 20.09 -9.98
CA GLY A 77 -28.30 21.05 -11.05
C GLY A 77 -28.07 20.42 -12.40
N LEU A 78 -28.27 19.10 -12.48
CA LEU A 78 -28.12 18.33 -13.70
C LEU A 78 -29.49 17.78 -14.09
N SER A 79 -29.60 17.36 -15.33
CA SER A 79 -30.85 16.79 -15.79
C SER A 79 -30.96 15.34 -15.38
N ARG A 80 -32.21 14.91 -15.14
CA ARG A 80 -32.55 13.50 -15.00
C ARG A 80 -31.95 12.72 -16.16
N GLN A 81 -31.84 13.35 -17.33
CA GLN A 81 -31.27 12.68 -18.48
C GLN A 81 -29.77 12.46 -18.32
N THR A 82 -29.06 13.50 -17.87
CA THR A 82 -27.61 13.38 -17.66
C THR A 82 -27.26 12.43 -16.53
N LEU A 83 -28.11 12.35 -15.50
CA LEU A 83 -27.88 11.40 -14.42
C LEU A 83 -27.84 9.98 -14.95
N TYR A 84 -28.96 9.51 -15.53
CA TYR A 84 -29.01 8.15 -16.05
C TYR A 84 -27.96 7.99 -17.16
N SER A 85 -27.60 9.08 -17.83
CA SER A 85 -26.65 9.02 -18.93
C SER A 85 -25.23 8.66 -18.46
N THR A 86 -24.79 9.20 -17.32
CA THR A 86 -23.48 8.86 -16.78
C THR A 86 -23.53 7.69 -15.78
N PHE A 87 -24.63 7.53 -15.01
CA PHE A 87 -24.67 6.62 -13.86
C PHE A 87 -25.52 5.36 -13.98
N GLY A 88 -26.40 5.24 -14.97
CA GLY A 88 -27.29 4.08 -14.94
C GLY A 88 -28.50 4.26 -14.04
N ASN A 89 -28.49 3.81 -12.78
CA ASN A 89 -29.68 3.96 -11.93
C ASN A 89 -29.19 4.26 -10.51
N ARG A 90 -30.06 4.06 -9.53
CA ARG A 90 -29.67 4.21 -8.12
C ARG A 90 -28.47 3.37 -7.74
N GLN A 91 -28.31 2.20 -8.35
CA GLN A 91 -27.13 1.40 -8.06
C GLN A 91 -25.88 2.12 -8.54
N GLY A 92 -25.88 2.58 -9.79
CA GLY A 92 -24.74 3.33 -10.32
C GLY A 92 -24.46 4.61 -9.55
N LEU A 93 -25.49 5.18 -8.90
CA LEU A 93 -25.32 6.36 -8.04
C LEU A 93 -24.58 6.01 -6.76
N ALA A 94 -25.11 5.06 -5.98
CA ALA A 94 -24.45 4.61 -4.75
C ALA A 94 -23.13 3.91 -5.05
N GLN A 95 -22.99 3.29 -6.23
CA GLN A 95 -21.71 2.69 -6.54
C GLN A 95 -20.62 3.72 -6.82
N ALA A 96 -20.90 4.76 -7.62
CA ALA A 96 -19.89 5.80 -7.80
C ALA A 96 -19.64 6.58 -6.50
N TYR A 97 -20.68 6.83 -5.69
CA TYR A 97 -20.44 7.45 -4.39
C TYR A 97 -19.46 6.63 -3.58
N ALA A 98 -19.63 5.30 -3.59
CA ALA A 98 -18.74 4.39 -2.88
C ALA A 98 -17.32 4.45 -3.45
N LEU A 99 -17.20 4.52 -4.78
CA LEU A 99 -15.87 4.75 -5.36
C LEU A 99 -15.25 6.04 -4.85
N GLN A 100 -16.04 7.09 -4.65
CA GLN A 100 -15.48 8.32 -4.09
C GLN A 100 -15.07 8.13 -2.65
N LEU A 101 -15.90 7.42 -1.87
CA LEU A 101 -15.54 7.15 -0.48
C LEU A 101 -14.26 6.33 -0.41
N SER A 102 -14.18 5.29 -1.24
CA SER A 102 -13.01 4.45 -1.32
C SER A 102 -11.74 5.28 -1.51
N GLU A 103 -11.75 6.15 -2.52
CA GLU A 103 -10.59 7.00 -2.81
C GLU A 103 -10.31 7.95 -1.66
N LYS A 104 -11.36 8.52 -1.09
CA LYS A 104 -11.22 9.48 0.00
C LYS A 104 -10.60 8.81 1.22
N PHE A 105 -11.05 7.60 1.58
CA PHE A 105 -10.52 6.88 2.73
C PHE A 105 -9.07 6.49 2.51
N ALA A 106 -8.76 5.89 1.35
CA ALA A 106 -7.39 5.57 1.00
C ALA A 106 -6.50 6.81 0.98
N GLY A 107 -7.02 7.97 0.62
CA GLY A 107 -6.23 9.18 0.69
C GLY A 107 -5.81 9.55 2.09
N GLU A 108 -6.69 9.35 3.07
CA GLU A 108 -6.38 9.63 4.48
C GLU A 108 -5.12 8.91 4.89
N ILE A 109 -5.05 7.62 4.56
CA ILE A 109 -3.89 6.80 4.90
C ILE A 109 -2.65 7.28 4.16
N ARG A 110 -2.78 7.49 2.84
CA ARG A 110 -1.65 7.99 2.07
C ARG A 110 -1.15 9.33 2.58
N ASP A 111 -2.07 10.27 2.90
CA ASP A 111 -1.64 11.58 3.41
C ASP A 111 -0.85 11.44 4.70
N SER A 112 -1.29 10.57 5.60
CA SER A 112 -0.52 10.33 6.82
C SER A 112 0.82 9.69 6.51
N ILE A 113 0.88 8.81 5.51
CA ILE A 113 2.18 8.25 5.13
C ILE A 113 3.11 9.35 4.66
N ILE A 114 2.62 10.22 3.77
CA ILE A 114 3.45 11.30 3.25
C ILE A 114 3.83 12.28 4.36
N ARG A 115 2.88 12.58 5.24
CA ARG A 115 3.11 13.58 6.29
C ARG A 115 4.20 13.15 7.27
N HIS A 116 4.37 11.86 7.56
CA HIS A 116 5.36 11.39 8.54
C HIS A 116 6.41 10.48 7.93
N PRO A 117 7.44 11.03 7.24
CA PRO A 117 8.48 10.17 6.66
C PRO A 117 9.42 9.60 7.72
N GLY A 118 9.81 8.35 7.55
CA GLY A 118 10.61 7.71 8.56
C GLY A 118 9.85 7.20 9.78
N GLN A 119 8.60 7.60 10.01
CA GLN A 119 7.80 7.09 11.14
C GLN A 119 6.68 6.17 10.62
N ILE A 120 7.01 4.87 10.50
CA ILE A 120 6.06 3.90 9.97
C ILE A 120 4.86 3.75 10.91
N GLU A 121 5.12 3.61 12.21
CA GLU A 121 4.02 3.42 13.16
C GLU A 121 3.19 4.67 13.35
N LEU A 122 3.80 5.84 13.29
CA LEU A 122 3.00 7.05 13.47
C LEU A 122 2.15 7.30 12.24
N ALA A 123 2.69 7.05 11.05
CA ALA A 123 1.91 7.20 9.82
C ALA A 123 0.70 6.26 9.81
N LEU A 124 0.90 4.97 10.10
CA LEU A 124 -0.25 4.05 10.13
C LEU A 124 -1.26 4.46 11.21
N SER A 125 -0.77 4.72 12.43
CA SER A 125 -1.62 5.11 13.54
C SER A 125 -2.50 6.30 13.20
N GLU A 126 -1.89 7.33 12.61
CA GLU A 126 -2.64 8.51 12.22
C GLU A 126 -3.53 8.24 11.02
N GLY A 127 -3.03 7.51 10.03
CA GLY A 127 -3.85 7.25 8.86
C GLY A 127 -5.12 6.50 9.19
N ILE A 128 -4.98 5.39 9.91
CA ILE A 128 -6.14 4.57 10.25
C ILE A 128 -7.11 5.36 11.09
N ASN A 129 -6.61 6.12 12.08
CA ASN A 129 -7.48 6.91 12.93
C ASN A 129 -8.26 7.90 12.10
N GLY A 130 -7.57 8.62 11.21
CA GLY A 130 -8.24 9.55 10.32
C GLY A 130 -9.26 8.87 9.42
N PHE A 131 -8.93 7.69 8.89
CA PHE A 131 -9.91 6.92 8.12
C PHE A 131 -11.14 6.58 8.96
N LEU A 132 -10.93 6.07 10.17
CA LEU A 132 -12.07 5.70 11.01
C LEU A 132 -12.96 6.90 11.29
N ARG A 133 -12.35 8.07 11.49
CA ARG A 133 -13.14 9.26 11.75
C ARG A 133 -14.04 9.59 10.57
N SER A 134 -13.46 9.63 9.35
CA SER A 134 -14.21 9.88 8.12
C SER A 134 -15.33 8.85 7.94
N SER A 135 -15.00 7.58 8.08
CA SER A 135 -15.98 6.51 7.93
C SER A 135 -17.14 6.67 8.91
N SER A 136 -16.90 7.30 10.04
CA SER A 136 -18.01 7.56 10.94
C SER A 136 -18.88 8.70 10.44
N ARG A 137 -18.25 9.84 10.12
CA ARG A 137 -18.97 11.05 9.74
C ARG A 137 -19.66 10.94 8.39
N ASP A 138 -19.47 9.83 7.65
CA ASP A 138 -20.07 9.76 6.32
C ASP A 138 -21.54 9.42 6.41
N PRO A 139 -22.41 10.18 5.71
CA PRO A 139 -23.86 9.94 5.81
C PRO A 139 -24.32 8.63 5.16
N LEU A 140 -23.74 8.20 4.04
CA LEU A 140 -24.11 6.92 3.44
C LEU A 140 -23.62 5.73 4.25
N ILE A 141 -22.58 5.91 5.07
CA ILE A 141 -22.06 4.82 5.90
C ILE A 141 -22.88 4.68 7.18
N ARG A 142 -23.14 5.82 7.84
CA ARG A 142 -24.25 5.90 8.78
C ARG A 142 -25.52 5.22 8.23
N ALA A 143 -25.90 5.54 6.99
CA ALA A 143 -27.10 4.97 6.38
C ALA A 143 -27.11 3.44 6.39
N LEU A 144 -25.97 2.82 6.13
CA LEU A 144 -25.80 1.36 6.00
C LEU A 144 -26.04 0.63 7.32
N VAL A 145 -26.26 1.38 8.41
CA VAL A 145 -26.75 0.79 9.67
C VAL A 145 -27.75 1.71 10.42
N PRO A 151 -31.26 -2.76 3.34
CA PRO A 151 -30.29 -2.05 2.49
C PRO A 151 -29.48 -3.03 1.60
N ASP A 152 -30.18 -3.74 0.72
CA ASP A 152 -29.57 -4.83 -0.04
C ASP A 152 -28.49 -4.36 -0.98
N LEU A 153 -28.75 -3.27 -1.70
CA LEU A 153 -27.81 -2.73 -2.68
C LEU A 153 -26.50 -2.32 -2.00
N LEU A 154 -26.59 -1.75 -0.78
CA LEU A 154 -25.39 -1.37 -0.04
C LEU A 154 -24.55 -2.58 0.35
N ARG A 155 -25.17 -3.70 0.73
CA ARG A 155 -24.42 -4.91 1.01
C ARG A 155 -23.74 -5.42 -0.26
N LEU A 156 -24.42 -5.31 -1.42
CA LEU A 156 -23.84 -5.61 -2.73
C LEU A 156 -22.50 -4.89 -2.97
N ILE A 157 -22.42 -3.60 -2.64
CA ILE A 157 -21.17 -2.89 -2.99
C ILE A 157 -20.07 -3.16 -1.96
N THR A 158 -20.44 -3.40 -0.71
CA THR A 158 -19.48 -3.56 0.37
C THR A 158 -19.05 -5.03 0.55
N THR A 159 -19.60 -5.94 -0.24
CA THR A 159 -19.27 -7.36 -0.25
C THR A 159 -18.90 -7.87 -1.64
N GLU A 160 -19.71 -7.53 -2.65
CA GLU A 160 -19.45 -7.86 -4.04
C GLU A 160 -18.99 -6.65 -4.86
N ALA A 161 -18.19 -5.77 -4.27
CA ALA A 161 -17.47 -4.79 -5.05
C ALA A 161 -16.01 -4.81 -4.62
N GLY A 162 -15.22 -5.33 -5.56
CA GLY A 162 -13.81 -5.16 -5.68
C GLY A 162 -13.41 -3.95 -6.49
N PRO A 163 -14.34 -3.32 -7.24
CA PRO A 163 -14.00 -1.99 -7.77
C PRO A 163 -13.68 -1.03 -6.65
N LEU A 164 -14.23 -1.29 -5.45
CA LEU A 164 -13.89 -0.51 -4.28
C LEU A 164 -12.48 -0.81 -3.81
N ILE A 165 -12.16 -2.09 -3.63
CA ILE A 165 -10.83 -2.52 -3.25
C ILE A 165 -9.81 -2.07 -4.28
N GLU A 166 -10.18 -2.15 -5.55
CA GLU A 166 -9.27 -1.80 -6.60
C GLU A 166 -8.92 -0.31 -6.57
N ARG A 167 -9.92 0.55 -6.37
CA ARG A 167 -9.62 1.99 -6.29
C ARG A 167 -8.74 2.30 -5.08
N ALA A 168 -9.17 1.83 -3.90
CA ALA A 168 -8.38 2.00 -2.70
C ALA A 168 -6.96 1.52 -2.94
N THR A 169 -6.82 0.39 -3.65
CA THR A 169 -5.50 -0.13 -3.96
C THR A 169 -4.73 0.79 -4.91
N GLU A 170 -5.41 1.41 -5.87
CA GLU A 170 -4.71 2.35 -6.74
C GLU A 170 -4.23 3.58 -5.98
N VAL A 171 -4.94 4.04 -4.96
CA VAL A 171 -4.44 5.15 -4.15
C VAL A 171 -3.34 4.66 -3.20
N LEU A 172 -3.53 3.49 -2.59
CA LEU A 172 -2.62 3.02 -1.56
C LEU A 172 -1.29 2.57 -2.13
N MSE A 173 -1.29 2.01 -3.33
CA MSE A 173 -0.04 1.45 -3.80
C MSE A 173 1.09 2.46 -3.89
O MSE A 173 2.11 2.24 -3.25
CB MSE A 173 -0.21 0.77 -5.13
CG MSE A 173 -0.65 -0.63 -4.99
SE MSE A 173 -0.18 -1.33 -6.68
CE MSE A 173 1.62 -0.52 -6.94
N PRO A 174 0.88 3.57 -4.61
CA PRO A 174 1.92 4.62 -4.63
C PRO A 174 2.24 5.18 -3.25
N ALA A 175 1.26 5.20 -2.33
CA ALA A 175 1.55 5.67 -0.99
C ALA A 175 2.60 4.84 -0.33
N LEU A 176 2.79 3.61 -0.79
CA LEU A 176 3.75 2.66 -0.25
C LEU A 176 4.94 2.49 -1.16
N SER A 177 4.69 2.51 -2.45
CA SER A 177 5.64 2.11 -3.46
C SER A 177 6.42 3.29 -3.99
N GLU A 178 5.80 4.46 -4.08
CA GLU A 178 6.47 5.63 -4.60
C GLU A 178 6.65 6.73 -3.55
N SER A 179 6.26 6.50 -2.31
CA SER A 179 6.58 7.39 -1.22
C SER A 179 7.97 7.07 -0.69
N TRP A 180 8.29 7.65 0.48
CA TRP A 180 9.60 7.43 1.08
C TRP A 180 9.85 5.98 1.50
N MSE A 181 8.80 5.18 1.67
CA MSE A 181 8.90 3.80 2.10
C MSE A 181 9.55 2.94 1.02
O MSE A 181 10.11 1.89 1.33
CB MSE A 181 7.53 3.21 2.44
CG MSE A 181 6.65 4.09 3.27
SE MSE A 181 5.37 3.12 4.35
CE MSE A 181 3.97 3.12 3.04
N ARG A 182 9.44 3.39 -0.22
CA ARG A 182 10.18 2.76 -1.31
C ARG A 182 9.92 1.26 -1.36
N ILE A 183 8.69 0.86 -1.17
CA ILE A 183 8.37 -0.57 -1.18
C ILE A 183 8.22 -1.00 -2.63
N GLU A 184 8.70 -2.21 -2.98
CA GLU A 184 8.54 -2.73 -4.34
C GLU A 184 7.06 -2.86 -4.70
N ALA A 185 6.75 -2.67 -5.98
CA ALA A 185 5.35 -2.61 -6.41
C ALA A 185 4.66 -3.95 -6.17
N SER A 186 5.44 -5.03 -6.19
CA SER A 186 4.95 -6.36 -5.89
C SER A 186 4.34 -6.44 -4.49
N GLN A 187 5.12 -6.06 -3.48
CA GLN A 187 4.69 -6.12 -2.10
C GLN A 187 3.71 -5.00 -1.76
N ALA A 188 3.88 -3.81 -2.35
CA ALA A 188 2.96 -2.71 -2.08
C ALA A 188 1.54 -3.08 -2.49
N ARG A 189 1.39 -3.63 -3.70
CA ARG A 189 0.09 -4.06 -4.19
C ARG A 189 -0.56 -5.02 -3.22
N LEU A 190 0.22 -6.00 -2.76
CA LEU A 190 -0.19 -6.98 -1.77
C LEU A 190 -0.70 -6.31 -0.50
N ALA A 191 0.16 -5.56 0.16
CA ALA A 191 -0.24 -4.93 1.41
C ALA A 191 -1.40 -3.99 1.18
N ALA A 192 -1.40 -3.27 0.05
CA ALA A 192 -2.46 -2.32 -0.22
C ALA A 192 -3.83 -2.99 -0.28
N SER A 193 -3.91 -4.14 -0.95
CA SER A 193 -5.15 -4.90 -1.01
C SER A 193 -5.61 -5.34 0.38
N ILE A 194 -4.68 -5.87 1.21
CA ILE A 194 -5.04 -6.28 2.58
C ILE A 194 -5.52 -5.09 3.40
N ILE A 195 -4.83 -3.96 3.30
CA ILE A 195 -5.30 -2.78 4.03
C ILE A 195 -6.67 -2.37 3.55
N ALA A 196 -6.88 -2.38 2.23
CA ALA A 196 -8.20 -2.06 1.68
C ALA A 196 -9.26 -3.00 2.25
N ARG A 197 -9.00 -4.32 2.20
CA ARG A 197 -9.99 -5.29 2.62
C ARG A 197 -10.27 -5.18 4.11
N ILE A 198 -9.25 -4.98 4.94
CA ILE A 198 -9.49 -4.78 6.39
C ILE A 198 -10.32 -3.54 6.63
N GLY A 199 -9.96 -2.44 5.95
CA GLY A 199 -10.69 -1.19 6.10
C GLY A 199 -12.16 -1.31 5.75
N ILE A 200 -12.46 -1.97 4.61
CA ILE A 200 -13.85 -2.20 4.23
C ILE A 200 -14.57 -2.97 5.34
N SER A 201 -13.86 -3.94 5.93
CA SER A 201 -14.41 -4.79 6.98
C SER A 201 -14.86 -3.99 8.18
N PHE A 202 -14.15 -2.93 8.52
CA PHE A 202 -14.52 -2.12 9.66
C PHE A 202 -15.66 -1.17 9.39
N ILE A 203 -16.14 -1.12 8.15
CA ILE A 203 -17.36 -0.41 7.78
C ILE A 203 -18.56 -1.34 7.77
N SER A 204 -18.43 -2.53 7.16
CA SER A 204 -19.47 -3.53 7.22
C SER A 204 -19.77 -3.90 8.67
N LEU A 205 -18.82 -4.51 9.38
CA LEU A 205 -19.01 -4.61 10.84
C LEU A 205 -18.16 -3.57 11.56
N PRO A 206 -18.75 -2.54 12.16
CA PRO A 206 -17.95 -1.51 12.84
C PRO A 206 -17.19 -2.09 14.04
N PRO A 207 -16.15 -1.40 14.50
CA PRO A 207 -15.38 -1.87 15.65
C PRO A 207 -16.03 -1.52 16.98
N GLU A 208 -16.15 -2.53 17.86
CA GLU A 208 -16.46 -2.30 19.27
C GLU A 208 -15.50 -1.31 19.92
N ASP A 209 -14.19 -1.56 19.80
CA ASP A 209 -13.17 -0.59 20.21
C ASP A 209 -13.11 0.58 19.24
N PRO A 210 -13.20 1.80 19.70
CA PRO A 210 -13.07 2.92 18.76
C PRO A 210 -11.60 3.05 18.37
N ASP A 211 -10.73 3.18 19.36
CA ASP A 211 -9.31 3.37 19.10
C ASP A 211 -8.48 2.12 19.32
N GLN A 212 -8.90 1.25 20.25
CA GLN A 212 -8.14 0.02 20.45
C GLN A 212 -8.22 -0.90 19.24
N LEU A 213 -9.10 -0.61 18.28
CA LEU A 213 -8.93 -1.22 16.97
C LEU A 213 -7.78 -0.57 16.19
N ALA A 214 -7.82 0.75 16.03
CA ALA A 214 -6.82 1.40 15.19
C ALA A 214 -5.40 1.07 15.63
N SER A 215 -5.06 1.38 16.88
CA SER A 215 -3.70 1.10 17.37
C SER A 215 -3.42 -0.39 17.38
N GLY A 216 -4.46 -1.23 17.41
CA GLY A 216 -4.21 -2.66 17.31
C GLY A 216 -3.75 -3.06 15.93
N LEU A 217 -4.50 -2.66 14.91
CA LEU A 217 -4.18 -2.97 13.52
C LEU A 217 -2.84 -2.38 13.07
N THR A 218 -2.48 -1.20 13.59
CA THR A 218 -1.14 -0.66 13.44
C THR A 218 -0.08 -1.65 13.88
N GLU A 219 -0.24 -2.18 15.08
CA GLU A 219 0.73 -3.11 15.63
C GLU A 219 0.84 -4.39 14.81
N VAL A 220 -0.22 -4.76 14.10
CA VAL A 220 -0.17 -5.94 13.26
C VAL A 220 0.56 -5.66 11.93
N ILE A 221 0.35 -4.48 11.34
CA ILE A 221 0.83 -4.15 10.00
C ILE A 221 2.20 -3.46 9.98
N ALA A 222 2.57 -2.74 11.05
CA ALA A 222 3.88 -2.09 11.11
C ALA A 222 5.02 -3.11 10.99
N PRO A 223 5.01 -4.23 11.74
CA PRO A 223 6.02 -5.28 11.48
C PRO A 223 6.20 -5.67 10.00
N TYR A 224 5.12 -5.79 9.19
CA TYR A 224 5.29 -6.08 7.76
C TYR A 224 5.97 -4.94 7.05
N LEU A 225 5.53 -3.71 7.32
CA LEU A 225 6.12 -2.59 6.59
C LEU A 225 7.59 -2.44 6.93
N GLN A 226 7.94 -2.57 8.22
CA GLN A 226 9.33 -2.46 8.65
C GLN A 226 10.25 -3.45 7.93
N LYS A 227 9.73 -4.62 7.55
CA LYS A 227 10.54 -5.59 6.81
C LYS A 227 10.82 -5.13 5.38
N VAL A 228 9.96 -4.30 4.79
CA VAL A 228 10.08 -3.97 3.37
C VAL A 228 10.49 -2.53 3.06
N VAL A 229 10.61 -1.64 4.05
CA VAL A 229 10.91 -0.22 3.84
C VAL A 229 12.34 0.07 3.33
N GLN A 230 12.99 -0.90 2.70
CA GLN A 230 14.33 -0.66 2.09
C GLN A 230 15.47 -0.15 3.02
N PRO B 47 -29.02 -33.33 18.18
CA PRO B 47 -29.72 -32.16 17.61
C PRO B 47 -28.98 -31.32 16.53
N ARG B 48 -27.84 -30.68 16.83
CA ARG B 48 -27.17 -29.80 15.85
C ARG B 48 -26.27 -30.52 14.80
N LEU B 49 -25.22 -31.25 15.24
CA LEU B 49 -24.09 -31.60 14.36
C LEU B 49 -24.46 -32.39 13.07
N THR B 50 -25.48 -33.24 13.07
CA THR B 50 -25.81 -33.93 11.81
C THR B 50 -26.61 -33.05 10.84
N VAL B 51 -27.31 -32.00 11.31
CA VAL B 51 -28.14 -31.17 10.43
C VAL B 51 -27.29 -30.37 9.45
N PHE B 52 -26.13 -29.88 9.89
CA PHE B 52 -25.27 -29.11 9.00
C PHE B 52 -24.83 -29.98 7.85
N ASP B 53 -24.54 -31.23 8.18
CA ASP B 53 -24.24 -32.22 7.19
C ASP B 53 -25.39 -32.36 6.19
N ALA B 54 -26.63 -32.40 6.68
CA ALA B 54 -27.80 -32.53 5.82
C ALA B 54 -27.95 -31.35 4.86
N MSE B 55 -27.75 -30.12 5.36
CA MSE B 55 -27.87 -28.90 4.55
C MSE B 55 -26.81 -28.80 3.47
O MSE B 55 -27.07 -28.23 2.39
CB MSE B 55 -27.74 -27.66 5.42
CG MSE B 55 -28.89 -27.37 6.30
SE MSE B 55 -28.41 -25.86 7.41
CE MSE B 55 -28.97 -24.42 6.18
N HIS B 56 -25.60 -29.26 3.77
CA HIS B 56 -24.54 -29.30 2.78
C HIS B 56 -24.95 -30.20 1.59
N GLN B 57 -25.11 -31.49 1.85
CA GLN B 57 -25.48 -32.45 0.81
C GLN B 57 -26.76 -32.04 0.10
N LEU B 58 -27.72 -31.49 0.83
CA LEU B 58 -28.93 -30.99 0.20
C LEU B 58 -28.58 -29.86 -0.76
N LEU B 59 -27.73 -28.93 -0.31
CA LEU B 59 -27.42 -27.71 -1.06
C LEU B 59 -26.62 -27.97 -2.34
N GLU B 60 -25.96 -29.13 -2.46
CA GLU B 60 -25.23 -29.44 -3.69
C GLU B 60 -26.16 -29.60 -4.91
N SER B 61 -27.43 -29.97 -4.70
CA SER B 61 -28.37 -30.26 -5.79
C SER B 61 -29.49 -29.24 -5.94
N ARG B 62 -29.59 -28.30 -5.01
CA ARG B 62 -30.68 -27.34 -4.94
C ARG B 62 -30.13 -25.93 -4.73
N ASP B 63 -30.97 -24.93 -5.01
CA ASP B 63 -30.60 -23.58 -4.62
C ASP B 63 -30.91 -23.40 -3.15
N TRP B 64 -30.49 -22.27 -2.60
CA TRP B 64 -30.85 -21.97 -1.22
C TRP B 64 -32.36 -21.74 -1.10
N SER B 65 -33.06 -21.49 -2.21
CA SER B 65 -34.51 -21.38 -2.20
C SER B 65 -35.22 -22.72 -2.37
N ALA B 66 -34.56 -23.72 -2.94
CA ALA B 66 -35.09 -25.08 -3.01
C ALA B 66 -34.78 -25.89 -1.73
N VAL B 67 -34.56 -25.20 -0.62
CA VAL B 67 -34.29 -25.82 0.68
C VAL B 67 -35.30 -25.24 1.64
N THR B 68 -36.19 -26.08 2.19
CA THR B 68 -37.05 -25.61 3.26
C THR B 68 -36.92 -26.56 4.44
N MSE B 69 -37.42 -26.12 5.60
CA MSE B 69 -37.33 -26.83 6.89
C MSE B 69 -37.74 -28.29 6.84
O MSE B 69 -37.22 -29.14 7.57
CB MSE B 69 -38.21 -26.14 7.91
CG MSE B 69 -37.86 -24.72 8.21
SE MSE B 69 -36.27 -24.57 9.30
CE MSE B 69 -36.91 -25.37 10.96
N SER B 70 -38.75 -28.53 6.01
CA SER B 70 -39.27 -29.87 5.79
C SER B 70 -38.15 -30.80 5.31
N ASP B 71 -37.59 -30.49 4.14
CA ASP B 71 -36.53 -31.28 3.50
C ASP B 71 -35.31 -31.45 4.38
N VAL B 72 -34.93 -30.41 5.12
CA VAL B 72 -33.76 -30.46 5.99
C VAL B 72 -33.98 -31.46 7.11
N ALA B 73 -35.17 -31.44 7.74
CA ALA B 73 -35.48 -32.39 8.80
C ALA B 73 -35.49 -33.84 8.29
N LYS B 74 -36.06 -34.06 7.10
CA LYS B 74 -36.10 -35.41 6.54
C LYS B 74 -34.70 -35.93 6.29
N ALA B 75 -33.85 -35.11 5.68
CA ALA B 75 -32.49 -35.54 5.36
C ALA B 75 -31.64 -35.67 6.62
N ALA B 76 -31.94 -34.89 7.66
CA ALA B 76 -31.15 -34.96 8.86
C ALA B 76 -31.52 -36.16 9.71
N GLY B 77 -32.73 -36.70 9.50
CA GLY B 77 -33.25 -37.73 10.39
C GLY B 77 -33.88 -37.17 11.64
N LEU B 78 -34.38 -35.95 11.61
CA LEU B 78 -35.00 -35.34 12.76
C LEU B 78 -36.46 -35.01 12.47
N SER B 79 -37.19 -34.68 13.53
CA SER B 79 -38.56 -34.25 13.39
C SER B 79 -38.63 -32.78 13.00
N ARG B 80 -39.63 -32.43 12.18
CA ARG B 80 -39.91 -31.01 11.95
C ARG B 80 -40.09 -30.24 13.25
N GLN B 81 -40.53 -30.92 14.31
CA GLN B 81 -40.67 -30.27 15.62
C GLN B 81 -39.31 -29.92 16.24
N THR B 82 -38.36 -30.86 16.20
CA THR B 82 -37.02 -30.62 16.76
C THR B 82 -36.27 -29.54 15.99
N LEU B 83 -36.44 -29.49 14.66
CA LEU B 83 -35.85 -28.42 13.84
C LEU B 83 -36.40 -27.04 14.21
N TYR B 84 -37.71 -26.82 14.04
CA TYR B 84 -38.24 -25.50 14.34
C TYR B 84 -37.97 -25.11 15.77
N SER B 85 -37.90 -26.09 16.67
CA SER B 85 -37.74 -25.77 18.07
C SER B 85 -36.32 -25.26 18.37
N THR B 86 -35.29 -25.87 17.75
CA THR B 86 -33.90 -25.51 18.01
C THR B 86 -33.35 -24.42 17.07
N PHE B 87 -33.82 -24.32 15.82
CA PHE B 87 -33.25 -23.37 14.86
C PHE B 87 -34.17 -22.22 14.45
N GLY B 88 -35.49 -22.34 14.63
CA GLY B 88 -36.40 -21.28 14.25
C GLY B 88 -36.80 -21.19 12.79
N ASN B 89 -36.08 -20.40 12.02
CA ASN B 89 -36.42 -20.13 10.64
C ASN B 89 -35.29 -20.60 9.73
N ARG B 90 -35.48 -20.40 8.44
CA ARG B 90 -34.40 -20.59 7.50
C ARG B 90 -33.25 -19.64 7.84
N GLN B 91 -33.57 -18.46 8.37
CA GLN B 91 -32.53 -17.52 8.79
C GLN B 91 -31.72 -18.13 9.93
N GLY B 92 -32.39 -18.60 10.98
CA GLY B 92 -31.68 -19.26 12.10
C GLY B 92 -30.94 -20.52 11.69
N LEU B 93 -31.40 -21.20 10.64
CA LEU B 93 -30.70 -22.36 10.09
C LEU B 93 -29.37 -21.96 9.45
N ALA B 94 -29.43 -21.00 8.52
CA ALA B 94 -28.23 -20.56 7.82
C ALA B 94 -27.25 -19.92 8.79
N GLN B 95 -27.74 -19.32 9.88
CA GLN B 95 -26.85 -18.77 10.89
C GLN B 95 -26.11 -19.86 11.65
N ALA B 96 -26.78 -20.98 11.93
CA ALA B 96 -26.05 -22.07 12.56
C ALA B 96 -25.01 -22.65 11.60
N TYR B 97 -25.35 -22.75 10.31
CA TYR B 97 -24.38 -23.19 9.31
C TYR B 97 -23.16 -22.26 9.25
N ALA B 98 -23.38 -20.94 9.31
CA ALA B 98 -22.29 -19.98 9.28
C ALA B 98 -21.41 -20.11 10.51
N LEU B 99 -22.02 -20.21 11.69
CA LEU B 99 -21.25 -20.43 12.90
C LEU B 99 -20.41 -21.71 12.82
N GLN B 100 -20.93 -22.75 12.15
CA GLN B 100 -20.15 -23.98 11.97
C GLN B 100 -18.99 -23.76 11.00
N LEU B 101 -19.26 -23.06 9.89
CA LEU B 101 -18.20 -22.68 8.95
C LEU B 101 -17.16 -21.80 9.64
N SER B 102 -17.62 -20.80 10.38
CA SER B 102 -16.70 -19.97 11.14
C SER B 102 -15.75 -20.82 11.95
N GLU B 103 -16.32 -21.75 12.72
CA GLU B 103 -15.57 -22.65 13.59
C GLU B 103 -14.62 -23.54 12.82
N LYS B 104 -15.10 -24.15 11.72
CA LYS B 104 -14.27 -25.08 10.94
C LYS B 104 -13.06 -24.36 10.33
N PHE B 105 -13.30 -23.17 9.73
CA PHE B 105 -12.24 -22.41 9.07
C PHE B 105 -11.16 -21.99 10.07
N ALA B 106 -11.56 -21.40 11.20
CA ALA B 106 -10.57 -21.03 12.21
C ALA B 106 -9.81 -22.24 12.68
N GLY B 107 -10.46 -23.41 12.72
CA GLY B 107 -9.78 -24.65 13.08
C GLY B 107 -8.75 -25.08 12.06
N GLU B 108 -9.04 -24.90 10.78
CA GLU B 108 -8.06 -25.20 9.74
C GLU B 108 -6.75 -24.47 10.02
N ILE B 109 -6.84 -23.20 10.35
CA ILE B 109 -5.66 -22.45 10.70
C ILE B 109 -5.05 -22.95 12.01
N ARG B 110 -5.87 -23.23 13.03
CA ARG B 110 -5.35 -23.74 14.31
C ARG B 110 -4.60 -25.07 14.15
N ASP B 111 -5.15 -25.98 13.35
CA ASP B 111 -4.50 -27.27 13.14
C ASP B 111 -3.12 -27.12 12.51
N SER B 112 -3.00 -26.26 11.51
CA SER B 112 -1.71 -26.02 10.87
C SER B 112 -0.72 -25.42 11.85
N ILE B 113 -1.18 -24.57 12.75
CA ILE B 113 -0.31 -24.03 13.79
C ILE B 113 0.24 -25.15 14.66
N ILE B 114 -0.62 -26.06 15.11
CA ILE B 114 -0.18 -27.16 15.98
C ILE B 114 0.74 -28.10 15.23
N ARG B 115 0.38 -28.40 13.98
CA ARG B 115 1.11 -29.34 13.12
C ARG B 115 2.55 -28.90 12.87
N HIS B 116 2.82 -27.60 12.87
CA HIS B 116 4.14 -27.04 12.54
C HIS B 116 4.65 -26.18 13.69
N PRO B 117 5.25 -26.78 14.73
CA PRO B 117 5.89 -25.97 15.77
C PRO B 117 7.20 -25.41 15.26
N GLY B 118 7.48 -24.15 15.60
CA GLY B 118 8.68 -23.50 15.14
C GLY B 118 8.66 -22.94 13.73
N GLN B 119 7.67 -23.31 12.90
CA GLN B 119 7.59 -22.83 11.50
C GLN B 119 6.35 -21.96 11.28
N ILE B 120 6.47 -20.65 11.57
CA ILE B 120 5.33 -19.74 11.50
C ILE B 120 4.86 -19.57 10.06
N GLU B 121 5.80 -19.31 9.14
CA GLU B 121 5.41 -19.03 7.77
C GLU B 121 4.82 -20.26 7.11
N LEU B 122 5.31 -21.43 7.48
CA LEU B 122 4.79 -22.68 6.94
C LEU B 122 3.46 -23.05 7.59
N ALA B 123 3.30 -22.75 8.88
CA ALA B 123 2.04 -23.00 9.58
C ALA B 123 0.91 -22.19 8.95
N LEU B 124 1.17 -20.89 8.73
CA LEU B 124 0.20 -19.99 8.12
C LEU B 124 -0.08 -20.39 6.69
N SER B 125 0.97 -20.55 5.90
CA SER B 125 0.79 -20.87 4.49
C SER B 125 -0.13 -22.08 4.33
N GLU B 126 0.08 -23.10 5.14
CA GLU B 126 -0.76 -24.28 5.07
C GLU B 126 -2.18 -23.97 5.56
N GLY B 127 -2.29 -23.27 6.69
CA GLY B 127 -3.59 -22.96 7.26
C GLY B 127 -4.46 -22.10 6.36
N ILE B 128 -3.87 -21.04 5.81
CA ILE B 128 -4.61 -20.14 4.92
C ILE B 128 -5.04 -20.85 3.61
N ASN B 129 -4.17 -21.67 3.02
CA ASN B 129 -4.59 -22.46 1.86
C ASN B 129 -5.75 -23.38 2.20
N GLY B 130 -5.71 -24.01 3.38
CA GLY B 130 -6.81 -24.91 3.77
C GLY B 130 -8.14 -24.19 3.90
N PHE B 131 -8.14 -23.03 4.54
CA PHE B 131 -9.37 -22.25 4.63
C PHE B 131 -9.87 -21.86 3.24
N LEU B 132 -9.00 -21.29 2.39
CA LEU B 132 -9.44 -20.90 1.05
C LEU B 132 -9.96 -22.10 0.29
N ARG B 133 -9.36 -23.28 0.48
CA ARG B 133 -9.86 -24.48 -0.20
C ARG B 133 -11.27 -24.87 0.30
N SER B 134 -11.46 -24.97 1.63
CA SER B 134 -12.78 -25.28 2.19
C SER B 134 -13.82 -24.22 1.80
N SER B 135 -13.48 -22.93 1.93
CA SER B 135 -14.38 -21.85 1.56
C SER B 135 -14.86 -21.96 0.12
N SER B 136 -14.04 -22.50 -0.77
CA SER B 136 -14.46 -22.68 -2.14
C SER B 136 -15.48 -23.80 -2.24
N ARG B 137 -15.17 -24.95 -1.67
CA ARG B 137 -15.98 -26.14 -1.77
C ARG B 137 -17.32 -26.02 -1.04
N ASP B 138 -17.53 -24.97 -0.25
CA ASP B 138 -18.75 -24.91 0.53
C ASP B 138 -19.92 -24.45 -0.32
N PRO B 139 -21.02 -25.21 -0.35
CA PRO B 139 -22.16 -24.86 -1.22
C PRO B 139 -22.91 -23.61 -0.80
N LEU B 140 -22.98 -23.29 0.51
CA LEU B 140 -23.64 -22.05 0.88
C LEU B 140 -22.74 -20.83 0.58
N ILE B 141 -21.40 -20.99 0.62
CA ILE B 141 -20.47 -19.91 0.30
C ILE B 141 -20.38 -19.78 -1.22
N ARG B 142 -20.36 -20.93 -1.91
CA ARG B 142 -20.54 -20.97 -3.37
C ARG B 142 -21.91 -20.42 -3.80
N ALA B 143 -22.97 -20.70 -3.04
CA ALA B 143 -24.28 -20.09 -3.29
C ALA B 143 -24.17 -18.57 -3.28
N LEU B 144 -23.86 -17.99 -2.10
CA LEU B 144 -23.86 -16.55 -1.89
C LEU B 144 -23.23 -15.77 -3.07
N VAL B 145 -22.11 -16.26 -3.63
CA VAL B 145 -21.36 -15.53 -4.66
C VAL B 145 -21.84 -15.88 -6.08
N THR B 146 -23.15 -16.23 -6.22
CA THR B 146 -23.88 -16.53 -7.46
C THR B 146 -25.32 -15.97 -7.43
N GLY B 147 -26.05 -16.25 -6.35
CA GLY B 147 -27.41 -15.77 -6.15
C GLY B 147 -28.31 -15.62 -7.38
N PRO B 151 -29.79 -13.83 -2.51
CA PRO B 151 -29.58 -14.28 -1.13
C PRO B 151 -29.31 -13.11 -0.16
N ASP B 152 -30.28 -12.24 0.07
CA ASP B 152 -30.07 -11.11 0.98
C ASP B 152 -29.86 -11.56 2.43
N LEU B 153 -30.54 -12.62 2.86
CA LEU B 153 -30.38 -13.13 4.22
C LEU B 153 -28.91 -13.52 4.47
N LEU B 154 -28.26 -14.10 3.48
CA LEU B 154 -26.86 -14.51 3.60
C LEU B 154 -25.91 -13.32 3.78
N ARG B 155 -26.10 -12.23 3.03
CA ARG B 155 -25.24 -11.07 3.23
C ARG B 155 -25.40 -10.45 4.60
N LEU B 156 -26.62 -10.48 5.14
CA LEU B 156 -26.84 -10.05 6.51
C LEU B 156 -25.84 -10.72 7.47
N ILE B 157 -25.59 -12.03 7.33
CA ILE B 157 -24.74 -12.75 8.29
C ILE B 157 -23.24 -12.52 8.00
N THR B 158 -22.89 -12.24 6.76
CA THR B 158 -21.49 -12.10 6.39
C THR B 158 -21.00 -10.65 6.57
N THR B 159 -21.90 -9.72 6.94
CA THR B 159 -21.53 -8.33 7.21
C THR B 159 -22.05 -7.90 8.59
N GLU B 160 -23.31 -8.21 8.90
CA GLU B 160 -23.90 -7.86 10.19
C GLU B 160 -24.04 -9.06 11.11
N ALA B 161 -23.01 -9.93 11.11
CA ALA B 161 -22.83 -10.92 12.16
C ALA B 161 -21.37 -10.93 12.59
N GLY B 162 -21.15 -10.44 13.81
CA GLY B 162 -19.98 -10.64 14.61
C GLY B 162 -19.97 -11.90 15.48
N PRO B 163 -21.09 -12.64 15.62
CA PRO B 163 -20.97 -14.00 16.19
C PRO B 163 -20.05 -14.90 15.40
N LEU B 164 -19.95 -14.64 14.09
CA LEU B 164 -19.02 -15.37 13.23
C LEU B 164 -17.59 -15.00 13.57
N ILE B 165 -17.27 -13.70 13.59
CA ILE B 165 -15.96 -13.25 14.04
C ILE B 165 -15.69 -13.70 15.48
N GLU B 166 -16.72 -13.67 16.34
CA GLU B 166 -16.50 -14.04 17.73
C GLU B 166 -16.14 -15.52 17.87
N ARG B 167 -16.86 -16.40 17.17
CA ARG B 167 -16.52 -17.82 17.24
C ARG B 167 -15.14 -18.08 16.67
N ALA B 168 -14.87 -17.56 15.48
CA ALA B 168 -13.56 -17.71 14.86
C ALA B 168 -12.43 -17.21 15.78
N THR B 169 -12.65 -16.06 16.47
CA THR B 169 -11.65 -15.53 17.40
C THR B 169 -11.46 -16.48 18.58
N GLU B 170 -12.55 -17.13 19.01
CA GLU B 170 -12.50 -18.06 20.13
C GLU B 170 -11.65 -19.31 19.81
N VAL B 171 -11.65 -19.76 18.58
CA VAL B 171 -10.81 -20.86 18.16
C VAL B 171 -9.37 -20.40 17.97
N LEU B 172 -9.20 -19.19 17.39
CA LEU B 172 -7.89 -18.72 17.00
C LEU B 172 -7.05 -18.39 18.22
N MSE B 173 -7.57 -17.53 19.09
CA MSE B 173 -6.82 -17.05 20.25
CA MSE B 173 -6.82 -17.05 20.28
C MSE B 173 -6.03 -18.15 20.98
O MSE B 173 -4.81 -17.98 21.19
CB MSE B 173 -7.80 -16.35 21.19
CB MSE B 173 -7.76 -16.38 21.29
CG MSE B 173 -7.19 -15.29 22.03
CG MSE B 173 -8.11 -14.92 21.02
SE MSE B 173 -6.83 -16.16 23.72
SE MSE B 173 -9.19 -14.14 22.47
CE MSE B 173 -8.66 -16.37 24.36
CE MSE B 173 -8.15 -14.73 24.01
N PRO B 174 -6.67 -19.29 21.34
CA PRO B 174 -5.92 -20.34 22.06
C PRO B 174 -4.82 -20.96 21.22
N ALA B 175 -5.07 -21.11 19.91
CA ALA B 175 -4.07 -21.57 18.97
C ALA B 175 -2.89 -20.63 18.91
N LEU B 176 -3.02 -19.44 19.45
CA LEU B 176 -1.95 -18.47 19.41
C LEU B 176 -1.29 -18.32 20.75
N SER B 177 -2.08 -18.31 21.82
CA SER B 177 -1.55 -18.03 23.14
C SER B 177 -1.24 -19.29 23.96
N GLU B 178 -1.95 -20.40 23.75
CA GLU B 178 -1.72 -21.60 24.54
C GLU B 178 -1.12 -22.69 23.71
N SER B 179 -0.90 -22.40 22.45
CA SER B 179 -0.14 -23.22 21.52
C SER B 179 1.33 -23.00 21.83
N TRP B 180 2.21 -23.49 20.96
CA TRP B 180 3.65 -23.31 21.13
C TRP B 180 4.08 -21.86 20.94
N MSE B 181 3.19 -21.00 20.47
CA MSE B 181 3.60 -19.65 20.13
C MSE B 181 3.70 -18.85 21.41
O MSE B 181 4.48 -17.90 21.48
CB MSE B 181 2.63 -19.02 19.17
CG MSE B 181 2.45 -19.86 17.92
SE MSE B 181 1.69 -18.88 16.43
CE MSE B 181 3.31 -18.85 15.30
N ARG B 182 2.91 -19.26 22.41
CA ARG B 182 2.97 -18.66 23.74
C ARG B 182 2.84 -17.14 23.66
N ILE B 183 1.93 -16.67 22.83
CA ILE B 183 1.73 -15.23 22.65
C ILE B 183 0.82 -14.75 23.76
N GLU B 184 1.06 -13.53 24.26
CA GLU B 184 0.22 -12.96 25.30
C GLU B 184 -1.24 -12.86 24.83
N ALA B 185 -2.17 -12.95 25.80
CA ALA B 185 -3.60 -13.08 25.48
C ALA B 185 -4.15 -11.85 24.76
N SER B 186 -3.66 -10.65 25.12
CA SER B 186 -4.13 -9.44 24.44
C SER B 186 -3.75 -9.48 22.96
N GLN B 187 -2.47 -9.72 22.67
CA GLN B 187 -2.04 -9.73 21.27
C GLN B 187 -2.63 -10.90 20.50
N ALA B 188 -2.87 -12.02 21.16
CA ALA B 188 -3.59 -13.09 20.50
C ALA B 188 -5.00 -12.63 20.11
N ARG B 189 -5.73 -11.94 21.02
CA ARG B 189 -7.04 -11.41 20.67
C ARG B 189 -6.96 -10.56 19.43
N LEU B 190 -6.03 -9.61 19.46
CA LEU B 190 -5.81 -8.66 18.37
C LEU B 190 -5.62 -9.37 17.04
N ALA B 191 -4.56 -10.18 16.95
CA ALA B 191 -4.29 -10.91 15.72
C ALA B 191 -5.46 -11.81 15.33
N ALA B 192 -6.12 -12.41 16.32
CA ALA B 192 -7.19 -13.36 16.00
C ALA B 192 -8.34 -12.63 15.31
N SER B 193 -8.76 -11.49 15.87
CA SER B 193 -9.83 -10.72 15.24
C SER B 193 -9.42 -10.28 13.83
N ILE B 194 -8.20 -9.74 13.68
CA ILE B 194 -7.74 -9.31 12.35
C ILE B 194 -7.73 -10.48 11.36
N ILE B 195 -7.20 -11.66 11.77
CA ILE B 195 -7.20 -12.83 10.88
C ILE B 195 -8.64 -13.20 10.51
N ALA B 196 -9.55 -13.22 11.49
CA ALA B 196 -10.95 -13.53 11.24
C ALA B 196 -11.59 -12.61 10.19
N ARG B 197 -11.42 -11.28 10.38
CA ARG B 197 -12.07 -10.32 9.49
C ARG B 197 -11.55 -10.44 8.07
N ILE B 198 -10.21 -10.62 7.90
CA ILE B 198 -9.62 -10.86 6.56
C ILE B 198 -10.20 -12.13 5.94
N GLY B 199 -10.33 -13.20 6.75
CA GLY B 199 -10.90 -14.43 6.25
C GLY B 199 -12.28 -14.20 5.69
N ILE B 200 -13.12 -13.46 6.42
CA ILE B 200 -14.47 -13.20 5.93
C ILE B 200 -14.42 -12.42 4.64
N SER B 201 -13.44 -11.51 4.53
CA SER B 201 -13.28 -10.67 3.36
C SER B 201 -13.08 -11.49 2.09
N PHE B 202 -12.38 -12.63 2.21
CA PHE B 202 -12.14 -13.52 1.07
C PHE B 202 -13.26 -14.52 0.83
N ILE B 203 -14.23 -14.63 1.72
CA ILE B 203 -15.41 -15.42 1.38
C ILE B 203 -16.46 -14.54 0.72
N SER B 204 -16.59 -13.30 1.19
CA SER B 204 -17.48 -12.27 0.64
C SER B 204 -17.12 -12.08 -0.82
N LEU B 205 -15.98 -11.47 -1.03
CA LEU B 205 -15.38 -11.37 -2.36
C LEU B 205 -14.20 -12.32 -2.42
N PRO B 206 -14.29 -13.40 -3.19
CA PRO B 206 -13.17 -14.37 -3.27
C PRO B 206 -11.94 -13.75 -3.89
N PRO B 207 -10.75 -14.30 -3.66
CA PRO B 207 -9.55 -13.76 -4.32
C PRO B 207 -9.46 -14.28 -5.75
N GLU B 208 -9.24 -13.37 -6.71
CA GLU B 208 -8.96 -13.78 -8.09
C GLU B 208 -7.79 -14.74 -8.18
N ASP B 209 -6.64 -14.34 -7.60
CA ASP B 209 -5.55 -15.30 -7.36
C ASP B 209 -6.00 -16.24 -6.25
N PRO B 210 -6.02 -17.56 -6.47
CA PRO B 210 -6.59 -18.44 -5.44
C PRO B 210 -5.68 -18.60 -4.23
N ASP B 211 -4.43 -18.95 -4.54
CA ASP B 211 -3.40 -19.24 -3.55
C ASP B 211 -2.32 -18.18 -3.49
N GLN B 212 -2.10 -17.40 -4.56
CA GLN B 212 -1.14 -16.31 -4.41
C GLN B 212 -1.69 -15.27 -3.44
N LEU B 213 -2.98 -15.33 -3.12
CA LEU B 213 -3.47 -14.68 -1.90
C LEU B 213 -2.94 -15.37 -0.65
N ALA B 214 -3.07 -16.69 -0.57
CA ALA B 214 -2.53 -17.37 0.60
C ALA B 214 -1.09 -16.94 0.81
N SER B 215 -0.25 -17.14 -0.21
CA SER B 215 1.17 -16.86 -0.10
C SER B 215 1.47 -15.39 0.21
N GLY B 216 0.59 -14.48 -0.23
CA GLY B 216 0.76 -13.07 0.13
C GLY B 216 0.43 -12.75 1.58
N LEU B 217 -0.78 -13.16 2.02
CA LEU B 217 -1.28 -12.87 3.37
C LEU B 217 -0.41 -13.50 4.47
N THR B 218 0.17 -14.68 4.20
CA THR B 218 1.21 -15.23 5.07
C THR B 218 2.30 -14.21 5.29
N GLU B 219 2.82 -13.69 4.19
CA GLU B 219 3.94 -12.76 4.25
C GLU B 219 3.63 -11.48 5.06
N VAL B 220 2.36 -11.07 5.15
CA VAL B 220 2.00 -9.86 5.88
C VAL B 220 1.89 -10.13 7.39
N ILE B 221 1.31 -11.26 7.77
CA ILE B 221 0.97 -11.57 9.15
C ILE B 221 2.12 -12.25 9.90
N ALA B 222 2.98 -12.98 9.17
CA ALA B 222 4.13 -13.64 9.78
C ALA B 222 5.06 -12.65 10.47
N PRO B 223 5.50 -11.55 9.83
CA PRO B 223 6.31 -10.55 10.55
C PRO B 223 5.72 -10.11 11.87
N TYR B 224 4.39 -9.99 11.99
CA TYR B 224 3.82 -9.66 13.29
C TYR B 224 4.01 -10.79 14.29
N LEU B 225 3.69 -12.02 13.88
CA LEU B 225 3.74 -13.15 14.81
C LEU B 225 5.15 -13.41 15.29
N GLN B 226 6.13 -13.37 14.36
CA GLN B 226 7.53 -13.49 14.72
C GLN B 226 7.94 -12.44 15.76
N LYS B 227 7.35 -11.24 15.69
CA LYS B 227 7.70 -10.22 16.67
C LYS B 227 7.10 -10.53 18.04
N VAL B 228 5.95 -11.19 18.13
CA VAL B 228 5.23 -11.36 19.40
C VAL B 228 5.35 -12.79 19.96
N VAL B 229 6.12 -13.65 19.28
CA VAL B 229 6.33 -15.04 19.67
C VAL B 229 7.19 -15.15 20.92
N GLN B 230 6.87 -16.15 21.75
CA GLN B 230 7.68 -16.42 22.96
C GLN B 230 7.91 -17.94 23.20
N PRO C 47 26.62 1.83 -23.57
CA PRO C 47 27.15 2.56 -24.74
C PRO C 47 28.14 3.67 -24.31
N ARG C 48 27.66 4.66 -23.55
CA ARG C 48 28.51 5.72 -22.99
C ARG C 48 29.29 5.21 -21.77
N LEU C 49 28.58 4.55 -20.83
CA LEU C 49 29.17 4.12 -19.56
C LEU C 49 30.36 3.17 -19.75
N THR C 50 30.40 2.44 -20.87
CA THR C 50 31.44 1.45 -21.09
C THR C 50 32.82 2.10 -21.36
N VAL C 51 32.86 3.32 -21.94
CA VAL C 51 34.13 4.03 -22.19
C VAL C 51 34.66 4.69 -20.93
N PHE C 52 33.79 5.28 -20.09
CA PHE C 52 34.21 6.03 -18.91
C PHE C 52 34.91 5.15 -17.88
N ASP C 53 34.44 3.90 -17.70
CA ASP C 53 35.16 2.96 -16.83
C ASP C 53 36.61 2.83 -17.28
N ALA C 54 36.82 2.67 -18.59
CA ALA C 54 38.15 2.56 -19.16
C ALA C 54 38.95 3.83 -18.94
N MSE C 55 38.41 4.97 -19.36
CA MSE C 55 39.06 6.26 -19.23
C MSE C 55 39.46 6.56 -17.78
O MSE C 55 40.47 7.21 -17.55
CB MSE C 55 38.14 7.34 -19.78
CG MSE C 55 38.84 8.63 -20.20
SE MSE C 55 37.56 9.84 -21.09
CE MSE C 55 36.05 8.60 -21.39
N HIS C 56 38.65 6.08 -16.83
CA HIS C 56 39.02 6.17 -15.41
C HIS C 56 40.31 5.40 -15.12
N GLN C 57 40.26 4.05 -15.26
CA GLN C 57 41.40 3.21 -14.97
C GLN C 57 42.64 3.63 -15.77
N LEU C 58 42.43 4.12 -16.98
CA LEU C 58 43.54 4.62 -17.78
C LEU C 58 44.20 5.80 -17.08
N LEU C 59 43.39 6.79 -16.64
CA LEU C 59 43.87 8.06 -16.08
C LEU C 59 44.59 7.92 -14.75
N GLU C 60 44.40 6.78 -14.07
CA GLU C 60 45.16 6.48 -12.86
C GLU C 60 46.64 6.39 -13.18
N SER C 61 46.97 5.95 -14.41
CA SER C 61 48.32 5.59 -14.82
C SER C 61 48.98 6.59 -15.77
N ARG C 62 48.24 7.56 -16.31
CA ARG C 62 48.72 8.53 -17.29
C ARG C 62 48.23 9.92 -16.94
N ASP C 63 48.88 10.95 -17.51
CA ASP C 63 48.41 12.34 -17.44
C ASP C 63 47.27 12.56 -18.42
N TRP C 64 46.62 13.73 -18.34
CA TRP C 64 45.55 13.99 -19.31
C TRP C 64 46.09 14.24 -20.73
N SER C 65 47.35 14.64 -20.90
CA SER C 65 47.88 14.71 -22.26
C SER C 65 48.44 13.37 -22.73
N ALA C 66 48.77 12.45 -21.81
CA ALA C 66 49.23 11.10 -22.12
C ALA C 66 48.07 10.09 -22.43
N VAL C 67 46.89 10.59 -22.81
CA VAL C 67 45.75 9.74 -23.19
C VAL C 67 45.21 10.25 -24.52
N THR C 68 45.29 9.41 -25.57
CA THR C 68 44.67 9.68 -26.86
C THR C 68 43.71 8.54 -27.17
N MSE C 69 42.83 8.77 -28.12
CA MSE C 69 41.69 7.91 -28.32
C MSE C 69 42.05 6.57 -28.92
O MSE C 69 41.21 5.67 -29.02
CB MSE C 69 40.68 8.65 -29.16
CG MSE C 69 40.62 10.05 -28.67
SE MSE C 69 38.94 10.80 -29.16
CE MSE C 69 37.78 9.30 -28.91
N SER C 70 43.31 6.47 -29.33
CA SER C 70 43.92 5.16 -29.51
C SER C 70 43.90 4.36 -28.21
N ASP C 71 44.52 4.90 -27.15
CA ASP C 71 44.49 4.22 -25.85
C ASP C 71 43.07 3.97 -25.35
N VAL C 72 42.19 4.98 -25.49
CA VAL C 72 40.82 4.91 -24.96
C VAL C 72 39.99 3.85 -25.70
N ALA C 73 40.06 3.84 -27.04
CA ALA C 73 39.29 2.84 -27.80
C ALA C 73 39.73 1.41 -27.48
N LYS C 74 41.05 1.19 -27.34
CA LYS C 74 41.58 -0.12 -26.96
C LYS C 74 41.16 -0.51 -25.55
N ALA C 75 41.23 0.44 -24.60
CA ALA C 75 40.92 0.12 -23.22
C ALA C 75 39.44 -0.16 -23.01
N ALA C 76 38.58 0.45 -23.83
CA ALA C 76 37.14 0.25 -23.70
C ALA C 76 36.66 -1.05 -24.32
N GLY C 77 37.42 -1.61 -25.26
CA GLY C 77 36.90 -2.71 -26.05
C GLY C 77 36.05 -2.24 -27.21
N LEU C 78 36.29 -1.03 -27.70
CA LEU C 78 35.56 -0.51 -28.86
C LEU C 78 36.55 -0.17 -29.97
N SER C 79 36.01 0.04 -31.17
CA SER C 79 36.85 0.42 -32.29
C SER C 79 37.18 1.91 -32.23
N ARG C 80 38.39 2.26 -32.66
CA ARG C 80 38.69 3.67 -32.88
C ARG C 80 37.60 4.37 -33.68
N GLN C 81 36.90 3.62 -34.53
CA GLN C 81 35.87 4.25 -35.34
C GLN C 81 34.68 4.73 -34.52
N THR C 82 34.20 3.88 -33.60
CA THR C 82 33.02 4.22 -32.79
C THR C 82 33.30 5.36 -31.79
N LEU C 83 34.53 5.42 -31.24
CA LEU C 83 34.91 6.52 -30.35
C LEU C 83 34.76 7.87 -31.03
N TYR C 84 35.46 8.07 -32.16
CA TYR C 84 35.34 9.34 -32.87
C TYR C 84 33.92 9.58 -33.33
N SER C 85 33.16 8.51 -33.57
CA SER C 85 31.83 8.62 -34.14
C SER C 85 30.79 9.12 -33.10
N THR C 86 30.90 8.74 -31.81
CA THR C 86 29.99 9.29 -30.82
C THR C 86 30.55 10.53 -30.12
N PHE C 87 31.89 10.62 -29.96
CA PHE C 87 32.51 11.63 -29.11
C PHE C 87 33.28 12.73 -29.85
N GLY C 88 33.70 12.50 -31.09
CA GLY C 88 34.52 13.48 -31.80
C GLY C 88 36.01 13.44 -31.45
N ASN C 89 36.43 14.26 -30.50
CA ASN C 89 37.85 14.28 -30.14
C ASN C 89 38.01 14.26 -28.64
N ARG C 90 39.21 14.59 -28.17
CA ARG C 90 39.50 14.61 -26.74
C ARG C 90 38.58 15.54 -25.94
N GLN C 91 38.11 16.63 -26.54
CA GLN C 91 37.18 17.51 -25.84
C GLN C 91 35.87 16.81 -25.54
N GLY C 92 35.22 16.25 -26.57
CA GLY C 92 33.98 15.53 -26.35
C GLY C 92 34.16 14.34 -25.42
N LEU C 93 35.35 13.75 -25.42
CA LEU C 93 35.66 12.68 -24.48
C LEU C 93 35.69 13.20 -23.06
N ALA C 94 36.47 14.27 -22.82
CA ALA C 94 36.53 14.87 -21.49
C ALA C 94 35.18 15.47 -21.08
N GLN C 95 34.40 15.99 -22.04
CA GLN C 95 33.11 16.55 -21.65
C GLN C 95 32.13 15.46 -21.24
N ALA C 96 32.11 14.34 -21.94
CA ALA C 96 31.24 13.26 -21.50
C ALA C 96 31.68 12.73 -20.14
N TYR C 97 32.99 12.63 -19.90
CA TYR C 97 33.48 12.22 -18.59
C TYR C 97 32.98 13.16 -17.50
N ALA C 98 32.98 14.47 -17.78
CA ALA C 98 32.47 15.48 -16.84
C ALA C 98 30.97 15.32 -16.61
N LEU C 99 30.17 15.16 -17.68
CA LEU C 99 28.73 14.92 -17.49
C LEU C 99 28.46 13.70 -16.62
N GLN C 100 29.27 12.65 -16.73
CA GLN C 100 29.09 11.51 -15.84
C GLN C 100 29.49 11.87 -14.40
N LEU C 101 30.53 12.67 -14.22
CA LEU C 101 30.83 13.14 -12.86
C LEU C 101 29.69 13.99 -12.32
N SER C 102 29.20 14.92 -13.12
CA SER C 102 28.06 15.75 -12.73
C SER C 102 26.90 14.88 -12.29
N GLU C 103 26.51 13.89 -13.12
CA GLU C 103 25.44 12.95 -12.74
C GLU C 103 25.80 12.14 -11.51
N LYS C 104 27.04 11.62 -11.43
CA LYS C 104 27.43 10.78 -10.30
C LYS C 104 27.39 11.56 -8.99
N PHE C 105 27.95 12.78 -9.00
CA PHE C 105 28.04 13.58 -7.78
C PHE C 105 26.68 14.01 -7.25
N ALA C 106 25.81 14.55 -8.12
CA ALA C 106 24.45 14.86 -7.69
C ALA C 106 23.74 13.62 -7.17
N GLY C 107 24.03 12.45 -7.73
CA GLY C 107 23.40 11.23 -7.26
C GLY C 107 23.75 10.91 -5.82
N GLU C 108 24.99 11.21 -5.40
CA GLU C 108 25.40 11.03 -3.99
C GLU C 108 24.47 11.80 -3.04
N ILE C 109 24.13 13.03 -3.39
CA ILE C 109 23.20 13.81 -2.60
C ILE C 109 21.81 13.19 -2.63
N ARG C 110 21.29 12.87 -3.82
CA ARG C 110 19.97 12.24 -3.92
C ARG C 110 19.90 10.94 -3.11
N ASP C 111 20.95 10.14 -3.16
CA ASP C 111 20.96 8.89 -2.42
C ASP C 111 20.85 9.10 -0.92
N SER C 112 21.59 10.09 -0.37
CA SER C 112 21.49 10.37 1.07
C SER C 112 20.15 10.97 1.43
N ILE C 113 19.59 11.81 0.54
CA ILE C 113 18.23 12.29 0.71
C ILE C 113 17.25 11.13 0.81
N ILE C 114 17.39 10.15 -0.09
CA ILE C 114 16.47 9.01 -0.04
C ILE C 114 16.68 8.19 1.21
N ARG C 115 17.95 7.98 1.56
CA ARG C 115 18.35 7.07 2.64
C ARG C 115 17.90 7.56 4.01
N HIS C 116 17.69 8.87 4.19
CA HIS C 116 17.32 9.44 5.48
C HIS C 116 16.00 10.20 5.39
N PRO C 117 14.86 9.52 5.38
CA PRO C 117 13.61 10.27 5.33
C PRO C 117 13.35 10.90 6.68
N GLY C 118 12.87 12.14 6.64
CA GLY C 118 12.64 12.88 7.85
C GLY C 118 13.86 13.52 8.48
N GLN C 119 15.07 13.22 8.00
CA GLN C 119 16.32 13.74 8.55
C GLN C 119 16.98 14.69 7.53
N ILE C 120 16.63 15.99 7.58
CA ILE C 120 17.16 16.94 6.60
C ILE C 120 18.65 17.12 6.74
N GLU C 121 19.13 17.38 7.95
CA GLU C 121 20.54 17.70 8.07
C GLU C 121 21.42 16.48 7.83
N LEU C 122 20.96 15.31 8.27
CA LEU C 122 21.73 14.10 8.06
C LEU C 122 21.74 13.68 6.60
N ALA C 123 20.63 13.91 5.87
CA ALA C 123 20.61 13.65 4.42
C ALA C 123 21.63 14.51 3.70
N LEU C 124 21.64 15.81 3.99
CA LEU C 124 22.65 16.72 3.43
C LEU C 124 24.06 16.37 3.91
N SER C 125 24.23 16.21 5.22
CA SER C 125 25.53 15.91 5.80
C SER C 125 26.18 14.70 5.16
N GLU C 126 25.43 13.61 5.04
CA GLU C 126 26.00 12.40 4.44
C GLU C 126 26.18 12.59 2.94
N GLY C 127 25.21 13.22 2.28
CA GLY C 127 25.30 13.41 0.84
C GLY C 127 26.50 14.23 0.43
N ILE C 128 26.70 15.39 1.08
CA ILE C 128 27.85 16.26 0.76
C ILE C 128 29.16 15.55 1.06
N ASN C 129 29.22 14.80 2.18
CA ASN C 129 30.40 13.98 2.48
C ASN C 129 30.69 12.96 1.39
N GLY C 130 29.68 12.21 0.95
CA GLY C 130 29.89 11.23 -0.11
C GLY C 130 30.40 11.89 -1.38
N PHE C 131 29.87 13.06 -1.71
CA PHE C 131 30.33 13.79 -2.88
C PHE C 131 31.81 14.16 -2.76
N LEU C 132 32.22 14.75 -1.63
CA LEU C 132 33.62 15.16 -1.48
C LEU C 132 34.56 13.96 -1.55
N ARG C 133 34.15 12.80 -1.05
CA ARG C 133 35.00 11.60 -1.16
C ARG C 133 35.22 11.21 -2.62
N SER C 134 34.12 11.07 -3.39
CA SER C 134 34.20 10.73 -4.82
C SER C 134 34.99 11.77 -5.63
N SER C 135 34.68 13.06 -5.46
CA SER C 135 35.42 14.12 -6.15
C SER C 135 36.90 14.17 -5.77
N SER C 136 37.26 13.64 -4.58
CA SER C 136 38.68 13.46 -4.24
C SER C 136 39.26 12.30 -5.03
N ARG C 137 38.61 11.12 -4.96
CA ARG C 137 39.08 9.87 -5.56
C ARG C 137 39.03 9.87 -7.10
N ASP C 138 38.52 10.96 -7.72
CA ASP C 138 38.39 11.01 -9.17
C ASP C 138 39.74 11.31 -9.81
N PRO C 139 40.15 10.52 -10.82
CA PRO C 139 41.45 10.75 -11.45
C PRO C 139 41.51 12.04 -12.25
N LEU C 140 40.43 12.43 -12.93
CA LEU C 140 40.48 13.62 -13.79
C LEU C 140 40.66 14.91 -12.99
N ILE C 141 40.29 14.92 -11.72
CA ILE C 141 40.57 16.09 -10.91
C ILE C 141 41.91 15.95 -10.20
N PRO C 151 46.08 22.83 -17.96
CA PRO C 151 44.88 22.14 -18.44
C PRO C 151 43.81 23.13 -18.90
N ASP C 152 44.11 23.93 -19.92
CA ASP C 152 43.18 24.99 -20.34
C ASP C 152 41.82 24.45 -20.83
N LEU C 153 41.80 23.31 -21.55
CA LEU C 153 40.56 22.74 -22.06
C LEU C 153 39.65 22.27 -20.90
N LEU C 154 40.24 21.70 -19.84
CA LEU C 154 39.50 21.28 -18.65
C LEU C 154 38.87 22.45 -17.89
N ARG C 155 39.56 23.58 -17.79
CA ARG C 155 38.95 24.73 -17.14
C ARG C 155 37.80 25.30 -17.97
N LEU C 156 37.95 25.28 -19.30
CA LEU C 156 36.87 25.66 -20.20
C LEU C 156 35.59 24.97 -19.77
N ILE C 157 35.68 23.71 -19.37
CA ILE C 157 34.52 22.87 -19.11
C ILE C 157 33.86 23.15 -17.76
N THR C 158 34.60 23.70 -16.80
CA THR C 158 34.11 23.96 -15.45
C THR C 158 33.56 25.38 -15.24
N THR C 159 33.60 26.28 -16.28
CA THR C 159 33.12 27.65 -16.47
C THR C 159 32.27 27.81 -17.73
N GLU C 160 32.69 27.20 -18.85
CA GLU C 160 31.96 27.13 -20.12
C GLU C 160 31.23 25.82 -20.28
N ALA C 161 30.73 25.22 -19.20
CA ALA C 161 29.75 24.16 -19.32
C ALA C 161 28.66 24.38 -18.29
N GLY C 162 27.51 24.82 -18.79
CA GLY C 162 26.26 24.74 -18.08
C GLY C 162 25.55 23.41 -18.29
N PRO C 163 25.92 22.62 -19.30
CA PRO C 163 25.45 21.23 -19.32
C PRO C 163 25.86 20.44 -18.09
N LEU C 164 26.96 20.83 -17.43
CA LEU C 164 27.27 20.25 -16.12
C LEU C 164 26.25 20.71 -15.06
N ILE C 165 26.03 22.02 -14.96
CA ILE C 165 25.03 22.55 -14.03
C ILE C 165 23.68 21.94 -14.31
N GLU C 166 23.31 21.81 -15.59
CA GLU C 166 22.01 21.29 -15.98
C GLU C 166 21.85 19.81 -15.62
N ARG C 167 22.89 19.00 -15.81
CA ARG C 167 22.80 17.59 -15.43
C ARG C 167 22.59 17.42 -13.94
N ALA C 168 23.43 18.08 -13.13
CA ALA C 168 23.28 18.05 -11.67
C ALA C 168 21.89 18.51 -11.27
N THR C 169 21.34 19.54 -11.96
CA THR C 169 20.00 20.06 -11.66
C THR C 169 18.90 19.05 -11.95
N GLU C 170 19.04 18.27 -13.03
CA GLU C 170 18.08 17.22 -13.36
C GLU C 170 18.16 16.05 -12.38
N VAL C 171 19.32 15.78 -11.80
CA VAL C 171 19.39 14.77 -10.74
C VAL C 171 18.88 15.33 -9.42
N LEU C 172 19.30 16.56 -9.08
CA LEU C 172 18.97 17.14 -7.77
C LEU C 172 17.49 17.51 -7.67
N MSE C 173 16.99 18.31 -8.62
CA MSE C 173 15.61 18.83 -8.62
CA MSE C 173 15.62 18.83 -8.57
C MSE C 173 14.60 17.77 -8.14
O MSE C 173 13.85 17.97 -7.15
CB MSE C 173 15.27 19.37 -10.03
CB MSE C 173 15.23 19.46 -9.91
CG MSE C 173 14.17 20.41 -10.16
CG MSE C 173 13.94 20.25 -9.91
SE MSE C 173 14.39 21.62 -11.72
SE MSE C 173 12.33 19.18 -10.19
CE MSE C 173 15.00 20.41 -13.15
CE MSE C 173 11.08 20.65 -10.48
N PRO C 174 14.57 16.60 -8.80
CA PRO C 174 13.67 15.54 -8.32
C PRO C 174 14.06 14.98 -6.95
N ALA C 175 15.34 14.99 -6.60
CA ALA C 175 15.71 14.55 -5.27
C ALA C 175 15.08 15.44 -4.21
N LEU C 176 14.62 16.61 -4.60
CA LEU C 176 14.06 17.53 -3.64
C LEU C 176 12.56 17.61 -3.73
N SER C 177 12.02 17.61 -4.95
CA SER C 177 10.60 17.85 -5.11
C SER C 177 9.77 16.56 -5.15
N GLU C 178 10.35 15.45 -5.57
CA GLU C 178 9.65 14.19 -5.67
C GLU C 178 10.17 13.18 -4.69
N SER C 179 11.09 13.61 -3.84
CA SER C 179 11.64 12.85 -2.75
C SER C 179 10.65 12.83 -1.62
N TRP C 180 11.13 12.38 -0.45
CA TRP C 180 10.30 12.47 0.73
C TRP C 180 10.11 13.91 1.17
N MSE C 181 10.89 14.83 0.63
CA MSE C 181 10.87 16.21 1.13
C MSE C 181 9.71 16.93 0.56
O MSE C 181 9.17 17.84 1.19
CB MSE C 181 12.16 16.96 0.78
CG MSE C 181 13.38 16.42 1.50
SE MSE C 181 15.04 17.41 1.19
CE MSE C 181 16.19 16.37 2.40
N ARG C 182 9.32 16.51 -0.65
CA ARG C 182 8.14 17.02 -1.30
C ARG C 182 8.21 18.55 -1.42
N ILE C 183 9.36 19.05 -1.80
CA ILE C 183 9.55 20.48 -1.93
C ILE C 183 8.91 20.88 -3.25
N GLU C 184 8.22 22.03 -3.27
CA GLU C 184 7.54 22.47 -4.50
C GLU C 184 8.53 22.60 -5.66
N ALA C 185 8.05 22.42 -6.90
CA ALA C 185 8.97 22.27 -8.02
C ALA C 185 9.84 23.51 -8.28
N SER C 186 9.29 24.73 -8.15
CA SER C 186 10.11 25.92 -8.41
C SER C 186 11.21 26.06 -7.38
N GLN C 187 10.86 25.89 -6.10
CA GLN C 187 11.87 26.04 -5.06
C GLN C 187 12.90 24.92 -5.11
N ALA C 188 12.52 23.70 -5.48
CA ALA C 188 13.52 22.66 -5.63
C ALA C 188 14.50 23.01 -6.74
N ARG C 189 13.97 23.50 -7.86
CA ARG C 189 14.77 23.96 -8.99
C ARG C 189 15.81 24.98 -8.56
N LEU C 190 15.33 25.97 -7.81
CA LEU C 190 16.16 27.04 -7.25
C LEU C 190 17.30 26.51 -6.36
N ALA C 191 16.96 25.71 -5.35
CA ALA C 191 17.98 25.14 -4.49
C ALA C 191 18.94 24.26 -5.28
N ALA C 192 18.43 23.56 -6.30
CA ALA C 192 19.25 22.61 -7.06
C ALA C 192 20.38 23.31 -7.79
N SER C 193 20.11 24.47 -8.41
CA SER C 193 21.18 25.21 -9.05
C SER C 193 22.23 25.63 -8.04
N ILE C 194 21.82 26.22 -6.91
CA ILE C 194 22.78 26.69 -5.91
C ILE C 194 23.62 25.52 -5.38
N ILE C 195 23.01 24.37 -5.11
CA ILE C 195 23.78 23.21 -4.68
C ILE C 195 24.77 22.80 -5.75
N ALA C 196 24.32 22.75 -7.02
CA ALA C 196 25.20 22.42 -8.14
C ALA C 196 26.36 23.41 -8.24
N ARG C 197 26.05 24.70 -8.26
CA ARG C 197 27.06 25.73 -8.45
C ARG C 197 28.09 25.71 -7.32
N ILE C 198 27.64 25.60 -6.08
CA ILE C 198 28.57 25.48 -4.96
C ILE C 198 29.44 24.24 -5.13
N GLY C 199 28.84 23.13 -5.56
CA GLY C 199 29.61 21.89 -5.74
C GLY C 199 30.77 22.06 -6.71
N ILE C 200 30.50 22.69 -7.86
CA ILE C 200 31.55 22.99 -8.84
C ILE C 200 32.55 23.98 -8.27
N SER C 201 32.07 24.94 -7.47
CA SER C 201 32.95 25.92 -6.88
C SER C 201 34.02 25.26 -6.02
N PHE C 202 33.66 24.18 -5.30
CA PHE C 202 34.60 23.43 -4.48
C PHE C 202 35.43 22.42 -5.28
N ILE C 203 35.14 22.20 -6.56
CA ILE C 203 36.04 21.43 -7.44
C ILE C 203 37.07 22.34 -8.11
N SER C 204 36.64 23.54 -8.59
CA SER C 204 37.51 24.58 -9.15
C SER C 204 38.55 24.98 -8.10
N LEU C 205 38.16 25.76 -7.09
CA LEU C 205 39.03 25.98 -5.94
C LEU C 205 38.60 25.10 -4.79
N PRO C 206 39.36 24.05 -4.45
CA PRO C 206 38.99 23.15 -3.35
C PRO C 206 39.03 23.83 -1.98
N PRO C 207 38.37 23.25 -0.99
CA PRO C 207 38.32 23.87 0.35
C PRO C 207 39.59 23.64 1.16
N GLU C 208 40.14 24.74 1.68
CA GLU C 208 41.24 24.69 2.64
C GLU C 208 40.91 23.80 3.84
N ASP C 209 39.77 24.04 4.48
CA ASP C 209 39.26 23.09 5.48
C ASP C 209 38.84 21.82 4.76
N PRO C 210 39.23 20.64 5.26
CA PRO C 210 39.06 19.43 4.42
C PRO C 210 37.60 19.05 4.25
N ASP C 211 36.98 18.72 5.37
CA ASP C 211 35.59 18.32 5.46
C ASP C 211 34.75 19.41 6.11
N GLN C 212 35.38 20.39 6.76
CA GLN C 212 34.59 21.48 7.30
C GLN C 212 33.87 22.21 6.17
N LEU C 213 34.11 21.83 4.92
CA LEU C 213 33.15 22.12 3.87
C LEU C 213 31.82 21.41 4.10
N ALA C 214 31.86 20.10 4.36
CA ALA C 214 30.61 19.37 4.56
C ALA C 214 29.76 20.04 5.63
N SER C 215 30.25 20.08 6.87
CA SER C 215 29.44 20.63 7.96
C SER C 215 29.10 22.10 7.72
N GLY C 216 29.94 22.81 6.96
CA GLY C 216 29.64 24.20 6.69
C GLY C 216 28.46 24.36 5.76
N LEU C 217 28.53 23.72 4.60
CA LEU C 217 27.48 23.80 3.57
C LEU C 217 26.17 23.22 4.03
N THR C 218 26.23 22.13 4.81
CA THR C 218 25.08 21.62 5.52
C THR C 218 24.43 22.73 6.33
N GLU C 219 25.25 23.43 7.13
CA GLU C 219 24.74 24.51 8.00
C GLU C 219 24.08 25.66 7.23
N VAL C 220 24.56 25.96 6.01
CA VAL C 220 23.99 27.07 5.27
C VAL C 220 22.70 26.65 4.58
N ILE C 221 22.66 25.41 4.07
CA ILE C 221 21.57 24.94 3.22
C ILE C 221 20.41 24.32 4.02
N ALA C 222 20.68 23.68 5.17
CA ALA C 222 19.60 23.07 5.93
C ALA C 222 18.54 24.08 6.33
N PRO C 223 18.87 25.22 6.95
CA PRO C 223 17.86 26.25 7.18
C PRO C 223 16.96 26.54 5.99
N TYR C 224 17.45 26.56 4.74
CA TYR C 224 16.53 26.71 3.61
C TYR C 224 15.60 25.52 3.51
N LEU C 225 16.18 24.31 3.53
CA LEU C 225 15.36 23.12 3.29
C LEU C 225 14.30 22.98 4.36
N GLN C 226 14.66 23.26 5.63
CA GLN C 226 13.71 23.23 6.74
C GLN C 226 12.54 24.17 6.52
N LYS C 227 12.78 25.30 5.86
CA LYS C 227 11.69 26.21 5.58
C LYS C 227 10.79 25.68 4.48
N VAL C 228 11.31 24.89 3.53
CA VAL C 228 10.57 24.54 2.32
C VAL C 228 10.05 23.07 2.32
N VAL C 229 10.36 22.25 3.35
CA VAL C 229 9.77 20.91 3.42
C VAL C 229 8.27 21.05 3.62
N GLN C 230 7.54 20.15 3.01
CA GLN C 230 6.09 20.14 3.12
C GLN C 230 5.60 19.05 4.07
N VAL C 231 6.45 18.62 5.00
CA VAL C 231 6.18 17.43 5.82
C VAL C 231 6.85 17.64 7.17
N ASP C 232 6.71 16.68 8.09
CA ASP C 232 7.28 16.76 9.44
C ASP C 232 8.72 16.28 9.43
N VAL C 233 9.60 16.97 10.17
CA VAL C 233 11.01 16.56 10.25
C VAL C 233 11.54 16.59 11.70
#